data_7G8D
#
_entry.id   7G8D
#
_cell.length_a   71.379
_cell.length_b   71.379
_cell.length_c   196.719
_cell.angle_alpha   90.000
_cell.angle_beta   90.000
_cell.angle_gamma   90.000
#
_symmetry.space_group_name_H-M   'P 43 21 2'
#
loop_
_entity.id
_entity.type
_entity.pdbx_description
1 polymer 'Transforming protein RhoA'
2 polymer 'Rho guanine nucleotide exchange factor 2'
3 non-polymer 'DIMETHYL SULFOXIDE'
4 non-polymer 'FORMIC ACID'
5 non-polymer '3-methylthiophene-2-carboxylic acid'
6 water water
#
loop_
_entity_poly.entity_id
_entity_poly.type
_entity_poly.pdbx_seq_one_letter_code
_entity_poly.pdbx_strand_id
1 'polypeptide(L)'
;SMAAIRKKLVIVGDGACGKTCLLIVFSKDQFPEVYVPTVFENYVADIEVDGKQVELALWDTAGQEDYDRLRPLSYPDTDV
ILMCFSIDSPDSLENIPEKWTPEVKHFCPNVPIILVGNKKDLRNDEHTRRELAKMKQEPVKPEEGRDMANRIGAFGYMEC
SAKTKDGVREVFEMATRAALQARRG
;
A
2 'polypeptide(L)'
;SMEMDEKDFAADSWSLAVDSSFLQQHKKEVMKQQDVIYELIQTELHHVRTLKIMTRLFRTGMLEELHLEPGVVQGLFPCV
DELSDIHTRFLSQLLERRRQALCPGSTRNFVIHRLGDLLISQFSGPSAEQMCKTYSEFCSRHSKALKLYKELYARDKRFQ
QFIRKVTRPAVLKRHGVQECILLVTQRITKYPLLISRILQHSHGIEEERQDLTTALGLVKELLSNVDEGIYQLEKGARLQ
EIYNR
;
B
#
# COMPACT_ATOMS: atom_id res chain seq x y z
N ALA A 4 -20.97 6.55 -13.66
CA ALA A 4 -20.30 6.20 -12.40
C ALA A 4 -19.57 7.37 -11.75
N ILE A 5 -19.98 7.73 -10.53
CA ILE A 5 -19.28 8.76 -9.78
C ILE A 5 -18.02 8.13 -9.13
N ARG A 6 -16.99 8.94 -8.88
CA ARG A 6 -15.77 8.46 -8.25
C ARG A 6 -15.78 8.85 -6.76
N LYS A 7 -15.52 7.89 -5.88
CA LYS A 7 -15.44 8.10 -4.44
C LYS A 7 -14.14 7.48 -3.89
N LYS A 8 -13.64 7.99 -2.76
CA LYS A 8 -12.40 7.49 -2.18
C LYS A 8 -12.67 6.96 -0.79
N LEU A 9 -12.20 5.74 -0.52
CA LEU A 9 -12.32 5.10 0.78
C LEU A 9 -10.91 4.93 1.36
N VAL A 10 -10.74 5.15 2.66
CA VAL A 10 -9.49 4.92 3.38
C VAL A 10 -9.76 4.05 4.63
N ILE A 11 -8.93 3.02 4.84
CA ILE A 11 -9.08 2.16 5.99
CA ILE A 11 -9.07 2.16 6.01
C ILE A 11 -7.98 2.50 7.00
N VAL A 12 -8.40 2.74 8.25
CA VAL A 12 -7.50 3.08 9.35
CA VAL A 12 -7.58 3.16 9.39
C VAL A 12 -7.71 2.10 10.52
N GLY A 13 -6.73 2.03 11.42
CA GLY A 13 -6.74 1.12 12.55
C GLY A 13 -5.35 0.58 12.89
N ASP A 14 -5.20 -0.07 14.05
CA ASP A 14 -3.91 -0.61 14.48
C ASP A 14 -3.34 -1.65 13.50
N GLY A 15 -2.03 -1.86 13.58
CA GLY A 15 -1.31 -2.81 12.75
C GLY A 15 -1.91 -4.21 12.66
N ALA A 16 -2.49 -4.72 13.77
CA ALA A 16 -3.09 -6.06 13.76
C ALA A 16 -4.62 -6.09 13.61
N CYS A 17 -5.23 -5.01 13.11
CA CYS A 17 -6.69 -4.98 12.96
C CYS A 17 -7.22 -5.77 11.73
N GLY A 18 -6.32 -6.22 10.85
CA GLY A 18 -6.65 -7.00 9.65
C GLY A 18 -7.13 -6.15 8.49
N LYS A 19 -6.75 -4.86 8.44
CA LYS A 19 -7.21 -3.97 7.37
CA LYS A 19 -7.20 -3.97 7.37
C LYS A 19 -6.70 -4.36 5.97
N THR A 20 -5.41 -4.77 5.86
CA THR A 20 -4.82 -5.16 4.60
C THR A 20 -5.53 -6.39 4.07
N CYS A 21 -5.71 -7.43 4.92
CA CYS A 21 -6.41 -8.66 4.50
CA CYS A 21 -6.40 -8.63 4.44
C CYS A 21 -7.83 -8.36 4.01
N LEU A 22 -8.52 -7.42 4.67
CA LEU A 22 -9.89 -7.05 4.30
C LEU A 22 -9.93 -6.43 2.90
N LEU A 23 -9.00 -5.48 2.59
CA LEU A 23 -8.91 -4.85 1.28
C LEU A 23 -8.58 -5.88 0.17
N ILE A 24 -7.67 -6.81 0.46
CA ILE A 24 -7.28 -7.86 -0.50
C ILE A 24 -8.47 -8.80 -0.80
N VAL A 25 -9.14 -9.29 0.24
CA VAL A 25 -10.26 -10.24 0.05
C VAL A 25 -11.43 -9.60 -0.71
N PHE A 26 -11.76 -8.34 -0.42
CA PHE A 26 -12.81 -7.64 -1.14
C PHE A 26 -12.43 -7.45 -2.62
N SER A 27 -11.21 -6.95 -2.90
CA SER A 27 -10.76 -6.64 -4.27
C SER A 27 -10.59 -7.87 -5.18
N LYS A 28 -10.34 -9.06 -4.62
CA LYS A 28 -10.28 -10.28 -5.45
C LYS A 28 -11.59 -11.09 -5.40
N ASP A 29 -12.48 -10.83 -4.39
CA ASP A 29 -13.69 -11.61 -4.04
C ASP A 29 -13.24 -13.04 -3.72
N GLN A 30 -12.15 -13.18 -2.96
CA GLN A 30 -11.57 -14.48 -2.69
C GLN A 30 -10.58 -14.37 -1.53
N PHE A 31 -10.55 -15.38 -0.63
CA PHE A 31 -9.50 -15.40 0.39
C PHE A 31 -8.37 -16.14 -0.34
N PRO A 32 -7.23 -15.46 -0.60
CA PRO A 32 -6.14 -16.11 -1.36
C PRO A 32 -5.79 -17.54 -0.94
N GLU A 33 -5.90 -18.48 -1.89
CA GLU A 33 -5.68 -19.89 -1.61
C GLU A 33 -4.22 -20.34 -1.66
N VAL A 34 -3.27 -19.50 -2.09
CA VAL A 34 -1.87 -19.92 -2.19
C VAL A 34 -0.93 -18.99 -1.41
N TYR A 35 -1.11 -17.69 -1.56
CA TYR A 35 -0.26 -16.70 -0.90
C TYR A 35 -1.09 -15.52 -0.48
N VAL A 36 -0.99 -15.12 0.80
CA VAL A 36 -1.70 -13.96 1.27
C VAL A 36 -0.69 -12.82 1.11
N PRO A 37 -0.96 -11.82 0.26
CA PRO A 37 0.00 -10.72 0.08
C PRO A 37 0.27 -9.93 1.37
N THR A 38 1.51 -9.51 1.56
CA THR A 38 1.93 -8.71 2.70
C THR A 38 1.34 -7.30 2.58
N VAL A 39 1.33 -6.74 1.37
CA VAL A 39 0.90 -5.38 1.17
C VAL A 39 -0.22 -5.27 0.15
N PHE A 40 -0.93 -4.13 0.20
CA PHE A 40 -1.98 -3.75 -0.73
C PHE A 40 -1.54 -2.40 -1.31
N GLU A 41 -1.52 -2.26 -2.65
CA GLU A 41 -1.12 -1.02 -3.32
C GLU A 41 -2.33 -0.05 -3.36
N ASN A 42 -3.29 -0.28 -4.28
CA ASN A 42 -4.56 0.43 -4.40
C ASN A 42 -5.51 -0.41 -5.30
N TYR A 43 -6.76 0.01 -5.46
CA TYR A 43 -7.71 -0.70 -6.31
C TYR A 43 -8.89 0.23 -6.57
N VAL A 44 -9.54 0.13 -7.73
CA VAL A 44 -10.72 0.93 -8.03
C VAL A 44 -11.88 -0.06 -8.22
N ALA A 45 -12.73 -0.18 -7.20
CA ALA A 45 -13.83 -1.14 -7.26
C ALA A 45 -15.06 -0.63 -8.02
N ASP A 46 -15.64 -1.45 -8.91
CA ASP A 46 -16.88 -1.08 -9.57
C ASP A 46 -18.00 -1.64 -8.71
N ILE A 47 -18.74 -0.77 -8.01
CA ILE A 47 -19.79 -1.19 -7.09
CA ILE A 47 -19.80 -1.23 -7.15
C ILE A 47 -21.12 -0.58 -7.50
N GLU A 48 -22.20 -1.35 -7.50
CA GLU A 48 -23.51 -0.84 -7.81
C GLU A 48 -24.38 -1.01 -6.55
N VAL A 49 -24.69 0.08 -5.85
CA VAL A 49 -25.46 -0.02 -4.62
C VAL A 49 -26.76 0.76 -4.72
N ASP A 50 -27.90 0.06 -4.45
CA ASP A 50 -29.24 0.64 -4.50
C ASP A 50 -29.51 1.34 -5.84
N GLY A 51 -29.05 0.75 -6.93
CA GLY A 51 -29.23 1.29 -8.27
C GLY A 51 -28.21 2.31 -8.74
N LYS A 52 -27.25 2.70 -7.89
CA LYS A 52 -26.24 3.68 -8.29
C LYS A 52 -24.88 3.04 -8.57
N GLN A 53 -24.28 3.36 -9.72
CA GLN A 53 -22.96 2.85 -10.11
C GLN A 53 -21.89 3.80 -9.61
N VAL A 54 -20.90 3.27 -8.87
CA VAL A 54 -19.81 4.03 -8.27
C VAL A 54 -18.43 3.35 -8.52
N GLU A 55 -17.38 4.17 -8.75
CA GLU A 55 -16.00 3.73 -8.84
C GLU A 55 -15.39 4.04 -7.47
N LEU A 56 -15.19 3.02 -6.63
CA LEU A 56 -14.68 3.24 -5.27
C LEU A 56 -13.18 2.95 -5.17
N ALA A 57 -12.33 4.01 -5.11
CA ALA A 57 -10.88 3.81 -4.96
C ALA A 57 -10.61 3.44 -3.50
N LEU A 58 -9.83 2.38 -3.30
CA LEU A 58 -9.48 1.81 -2.01
C LEU A 58 -8.03 2.06 -1.62
N TRP A 59 -7.80 2.50 -0.38
CA TRP A 59 -6.48 2.78 0.16
C TRP A 59 -6.30 2.23 1.57
N ASP A 60 -5.09 1.79 1.85
CA ASP A 60 -4.64 1.24 3.12
C ASP A 60 -3.68 2.24 3.80
N THR A 61 -3.67 2.27 5.12
CA THR A 61 -2.72 3.08 5.87
C THR A 61 -1.66 2.19 6.59
N ALA A 62 -1.64 0.87 6.32
CA ALA A 62 -0.69 -0.07 6.91
C ALA A 62 0.74 0.34 6.59
N GLY A 63 1.58 0.34 7.61
CA GLY A 63 2.96 0.76 7.50
C GLY A 63 3.17 2.21 7.91
N GLN A 64 2.10 3.04 7.91
CA GLN A 64 2.21 4.46 8.29
C GLN A 64 1.90 4.76 9.76
N GLU A 65 1.53 3.77 10.55
CA GLU A 65 1.13 3.98 11.95
C GLU A 65 2.17 4.74 12.84
N ASP A 66 3.48 4.59 12.59
CA ASP A 66 4.48 5.31 13.41
C ASP A 66 4.93 6.66 12.82
N TYR A 67 4.44 7.02 11.62
CA TYR A 67 4.93 8.22 10.93
C TYR A 67 3.84 9.27 10.84
N ASP A 68 3.81 10.15 11.83
CA ASP A 68 2.76 11.14 12.01
C ASP A 68 2.67 12.20 10.93
N ARG A 69 3.74 12.45 10.20
CA ARG A 69 3.70 13.41 9.10
C ARG A 69 3.48 12.75 7.75
N LEU A 70 3.80 11.45 7.60
CA LEU A 70 3.56 10.75 6.34
C LEU A 70 2.10 10.29 6.26
N ARG A 71 1.56 9.74 7.38
CA ARG A 71 0.21 9.18 7.45
C ARG A 71 -0.90 10.11 6.96
N PRO A 72 -0.94 11.41 7.32
CA PRO A 72 -2.06 12.27 6.88
C PRO A 72 -2.12 12.51 5.38
N LEU A 73 -1.01 12.22 4.63
CA LEU A 73 -1.01 12.34 3.17
C LEU A 73 -1.96 11.33 2.50
N SER A 74 -2.40 10.28 3.23
CA SER A 74 -3.39 9.35 2.69
C SER A 74 -4.82 9.92 2.75
N TYR A 75 -5.09 10.93 3.63
CA TYR A 75 -6.43 11.49 3.89
C TYR A 75 -7.05 12.48 2.89
N PRO A 76 -6.31 13.30 2.13
CA PRO A 76 -6.98 14.28 1.24
C PRO A 76 -8.12 13.73 0.39
N ASP A 77 -9.26 14.42 0.42
CA ASP A 77 -10.47 14.13 -0.35
C ASP A 77 -11.07 12.75 -0.15
N THR A 78 -10.95 12.20 1.07
CA THR A 78 -11.55 10.92 1.41
C THR A 78 -13.08 11.12 1.56
N ASP A 79 -13.87 10.24 0.96
CA ASP A 79 -15.33 10.30 1.03
C ASP A 79 -15.90 9.41 2.12
N VAL A 80 -15.20 8.32 2.47
CA VAL A 80 -15.67 7.43 3.53
C VAL A 80 -14.46 6.81 4.27
N ILE A 81 -14.53 6.70 5.60
CA ILE A 81 -13.49 6.09 6.40
C ILE A 81 -14.01 4.78 6.97
N LEU A 82 -13.24 3.71 6.85
CA LEU A 82 -13.54 2.46 7.51
C LEU A 82 -12.54 2.45 8.68
N MET A 83 -13.05 2.49 9.89
CA MET A 83 -12.21 2.48 11.08
CA MET A 83 -12.28 2.52 11.13
C MET A 83 -12.28 1.08 11.65
N CYS A 84 -11.17 0.37 11.57
CA CYS A 84 -11.11 -1.04 11.91
CA CYS A 84 -11.10 -1.04 11.92
C CYS A 84 -10.46 -1.36 13.26
N PHE A 85 -10.93 -2.44 13.86
CA PHE A 85 -10.43 -3.06 15.08
C PHE A 85 -10.61 -4.58 14.89
N SER A 86 -9.87 -5.38 15.63
CA SER A 86 -9.99 -6.82 15.54
C SER A 86 -10.78 -7.36 16.72
N ILE A 87 -11.76 -8.23 16.46
CA ILE A 87 -12.58 -8.82 17.51
C ILE A 87 -11.76 -9.72 18.46
N ASP A 88 -10.64 -10.29 17.98
CA ASP A 88 -9.73 -11.06 18.85
C ASP A 88 -8.79 -10.15 19.67
N SER A 89 -8.95 -8.83 19.58
CA SER A 89 -8.06 -7.89 20.26
C SER A 89 -8.79 -6.72 20.92
N PRO A 90 -9.24 -6.87 22.16
CA PRO A 90 -9.88 -5.75 22.87
C PRO A 90 -8.98 -4.51 23.00
N ASP A 91 -7.65 -4.68 22.93
CA ASP A 91 -6.68 -3.59 22.99
C ASP A 91 -6.75 -2.70 21.73
N SER A 92 -7.09 -3.28 20.56
CA SER A 92 -7.24 -2.48 19.34
C SER A 92 -8.54 -1.65 19.40
N LEU A 93 -9.57 -2.12 20.13
CA LEU A 93 -10.82 -1.39 20.29
C LEU A 93 -10.60 -0.19 21.21
N GLU A 94 -9.73 -0.33 22.24
CA GLU A 94 -9.35 0.69 23.20
C GLU A 94 -8.62 1.87 22.51
N ASN A 95 -7.85 1.60 21.45
CA ASN A 95 -7.15 2.65 20.72
C ASN A 95 -8.05 3.47 19.77
N ILE A 96 -9.30 3.03 19.57
CA ILE A 96 -10.20 3.72 18.65
C ILE A 96 -10.55 5.15 19.10
N PRO A 97 -11.11 5.40 20.31
CA PRO A 97 -11.57 6.75 20.64
C PRO A 97 -10.52 7.81 20.96
N GLU A 98 -9.35 7.44 21.49
CA GLU A 98 -8.39 8.46 21.89
C GLU A 98 -7.21 8.62 20.94
N LYS A 99 -7.03 7.71 19.98
CA LYS A 99 -5.95 7.85 19.03
C LYS A 99 -6.47 8.08 17.60
N TRP A 100 -7.19 7.11 17.02
CA TRP A 100 -7.67 7.21 15.64
C TRP A 100 -8.82 8.19 15.40
N THR A 101 -9.83 8.20 16.29
CA THR A 101 -11.00 9.07 16.09
C THR A 101 -10.62 10.58 16.04
N PRO A 102 -9.83 11.13 16.98
CA PRO A 102 -9.45 12.56 16.87
C PRO A 102 -8.66 12.89 15.59
N GLU A 103 -7.77 11.98 15.15
CA GLU A 103 -7.00 12.20 13.93
C GLU A 103 -7.92 12.22 12.69
N VAL A 104 -8.79 11.24 12.56
CA VAL A 104 -9.70 11.16 11.42
C VAL A 104 -10.71 12.34 11.41
N LYS A 105 -11.14 12.81 12.59
CA LYS A 105 -12.06 13.95 12.65
C LYS A 105 -11.37 15.28 12.28
N HIS A 106 -10.07 15.40 12.54
CA HIS A 106 -9.29 16.60 12.22
C HIS A 106 -8.98 16.69 10.71
N PHE A 107 -8.42 15.60 10.11
CA PHE A 107 -8.05 15.59 8.70
C PHE A 107 -9.22 15.33 7.74
N CYS A 108 -10.29 14.65 8.22
CA CYS A 108 -11.48 14.35 7.40
C CYS A 108 -12.77 14.86 8.08
N PRO A 109 -12.92 16.18 8.29
CA PRO A 109 -14.13 16.66 8.98
C PRO A 109 -15.38 16.39 8.16
N ASN A 110 -16.41 15.90 8.86
CA ASN A 110 -17.72 15.59 8.32
C ASN A 110 -17.76 14.35 7.40
N VAL A 111 -16.66 13.57 7.35
CA VAL A 111 -16.61 12.38 6.52
C VAL A 111 -17.20 11.24 7.33
N PRO A 112 -18.16 10.48 6.79
CA PRO A 112 -18.72 9.37 7.58
C PRO A 112 -17.69 8.29 7.94
N ILE A 113 -17.79 7.82 9.17
CA ILE A 113 -16.90 6.77 9.66
C ILE A 113 -17.73 5.51 9.89
N ILE A 114 -17.36 4.39 9.32
CA ILE A 114 -18.02 3.11 9.63
C ILE A 114 -17.04 2.36 10.56
N LEU A 115 -17.46 2.02 11.79
CA LEU A 115 -16.61 1.25 12.70
C LEU A 115 -16.82 -0.22 12.32
N VAL A 116 -15.73 -0.93 11.99
CA VAL A 116 -15.76 -2.33 11.55
C VAL A 116 -14.99 -3.26 12.48
N GLY A 117 -15.69 -4.27 12.98
CA GLY A 117 -15.06 -5.33 13.76
C GLY A 117 -14.63 -6.46 12.84
N ASN A 118 -13.33 -6.57 12.58
CA ASN A 118 -12.76 -7.61 11.72
CA ASN A 118 -12.82 -7.63 11.70
C ASN A 118 -12.53 -8.93 12.50
N LYS A 119 -12.29 -10.04 11.78
CA LYS A 119 -11.98 -11.34 12.35
C LYS A 119 -13.09 -11.88 13.26
N LYS A 120 -14.36 -11.65 12.90
CA LYS A 120 -15.47 -12.14 13.73
C LYS A 120 -15.47 -13.66 13.90
N ASP A 121 -14.80 -14.40 12.98
CA ASP A 121 -14.67 -15.86 13.03
C ASP A 121 -13.87 -16.32 14.28
N LEU A 122 -13.04 -15.43 14.85
CA LEU A 122 -12.24 -15.74 16.04
C LEU A 122 -13.01 -15.58 17.36
N ARG A 123 -14.21 -15.01 17.34
CA ARG A 123 -15.04 -14.80 18.53
C ARG A 123 -15.33 -16.12 19.26
N ASN A 124 -15.47 -17.22 18.51
CA ASN A 124 -15.71 -18.51 19.13
C ASN A 124 -14.59 -19.52 18.81
N ASP A 125 -13.36 -19.01 18.66
CA ASP A 125 -12.18 -19.83 18.40
C ASP A 125 -11.58 -20.20 19.76
N GLU A 126 -11.31 -21.50 19.98
CA GLU A 126 -10.78 -21.94 21.26
C GLU A 126 -9.42 -21.37 21.58
N HIS A 127 -8.48 -21.40 20.62
CA HIS A 127 -7.13 -20.85 20.79
C HIS A 127 -7.16 -19.39 21.23
N THR A 128 -8.05 -18.58 20.61
CA THR A 128 -8.22 -17.17 20.90
C THR A 128 -8.76 -16.97 22.32
N ARG A 129 -9.79 -17.72 22.70
CA ARG A 129 -10.38 -17.63 24.04
C ARG A 129 -9.37 -18.05 25.13
N ARG A 130 -8.50 -19.03 24.81
CA ARG A 130 -7.47 -19.44 25.77
C ARG A 130 -6.39 -18.37 25.89
N GLU A 131 -5.88 -17.86 24.76
CA GLU A 131 -4.86 -16.82 24.77
C GLU A 131 -5.29 -15.54 25.50
N LEU A 132 -6.50 -15.03 25.19
CA LEU A 132 -7.02 -13.80 25.78
C LEU A 132 -7.23 -13.90 27.30
N ALA A 133 -7.68 -15.07 27.79
CA ALA A 133 -7.90 -15.30 29.22
C ALA A 133 -6.61 -15.14 30.06
N LYS A 134 -5.44 -15.37 29.47
CA LYS A 134 -4.16 -15.22 30.18
C LYS A 134 -3.82 -13.77 30.54
N MET A 135 -4.52 -12.79 29.94
CA MET A 135 -4.33 -11.38 30.26
C MET A 135 -5.62 -10.72 30.80
N LYS A 136 -6.56 -11.55 31.33
CA LYS A 136 -7.87 -11.16 31.88
C LYS A 136 -8.76 -10.51 30.84
N GLN A 137 -8.69 -11.02 29.59
CA GLN A 137 -9.48 -10.50 28.48
C GLN A 137 -10.37 -11.59 27.81
N GLU A 138 -11.20 -11.17 26.84
CA GLU A 138 -12.07 -12.06 26.08
C GLU A 138 -12.41 -11.42 24.71
N PRO A 139 -12.80 -12.20 23.67
CA PRO A 139 -13.12 -11.57 22.37
C PRO A 139 -14.17 -10.48 22.50
N VAL A 140 -14.05 -9.40 21.71
CA VAL A 140 -14.98 -8.28 21.76
C VAL A 140 -16.41 -8.74 21.46
N LYS A 141 -17.36 -8.33 22.30
CA LYS A 141 -18.77 -8.68 22.14
C LYS A 141 -19.45 -7.69 21.16
N PRO A 142 -20.43 -8.14 20.36
CA PRO A 142 -21.06 -7.23 19.39
C PRO A 142 -21.59 -5.92 19.98
N GLU A 143 -22.12 -5.97 21.22
CA GLU A 143 -22.65 -4.82 21.93
C GLU A 143 -21.56 -3.86 22.40
N GLU A 144 -20.34 -4.34 22.64
CA GLU A 144 -19.22 -3.46 22.96
C GLU A 144 -18.80 -2.70 21.69
N GLY A 145 -18.86 -3.36 20.53
CA GLY A 145 -18.62 -2.71 19.25
C GLY A 145 -19.64 -1.64 18.98
N ARG A 146 -20.95 -1.95 19.17
CA ARG A 146 -22.02 -0.97 18.97
C ARG A 146 -21.88 0.23 19.91
N ASP A 147 -21.54 -0.01 21.20
CA ASP A 147 -21.37 1.10 22.15
C ASP A 147 -20.23 2.02 21.71
N MET A 148 -19.06 1.48 21.32
CA MET A 148 -17.95 2.30 20.84
C MET A 148 -18.34 3.09 19.58
N ALA A 149 -19.07 2.46 18.65
CA ALA A 149 -19.48 3.13 17.42
C ALA A 149 -20.39 4.33 17.74
N ASN A 150 -21.35 4.13 18.67
CA ASN A 150 -22.24 5.18 19.11
C ASN A 150 -21.44 6.30 19.79
N ARG A 151 -20.53 5.94 20.69
CA ARG A 151 -19.66 6.86 21.40
C ARG A 151 -18.82 7.80 20.46
N ILE A 152 -18.19 7.26 19.41
CA ILE A 152 -17.38 8.07 18.51
C ILE A 152 -18.19 8.79 17.41
N GLY A 153 -19.51 8.64 17.39
CA GLY A 153 -20.33 9.27 16.37
C GLY A 153 -20.19 8.61 15.02
N ALA A 154 -19.95 7.28 15.00
CA ALA A 154 -19.84 6.54 13.75
C ALA A 154 -21.18 6.54 13.00
N PHE A 155 -21.11 6.57 11.67
CA PHE A 155 -22.25 6.44 10.75
C PHE A 155 -22.97 5.10 11.05
N GLY A 156 -22.19 4.05 11.29
CA GLY A 156 -22.74 2.74 11.62
C GLY A 156 -21.70 1.77 12.17
N TYR A 157 -22.16 0.59 12.57
CA TYR A 157 -21.32 -0.45 13.11
C TYR A 157 -21.56 -1.74 12.33
N MET A 158 -20.47 -2.36 11.85
CA MET A 158 -20.51 -3.59 11.06
C MET A 158 -19.43 -4.57 11.46
N GLU A 159 -19.64 -5.86 11.15
CA GLU A 159 -18.68 -6.91 11.46
C GLU A 159 -18.45 -7.78 10.22
N CYS A 160 -17.25 -8.34 10.10
CA CYS A 160 -16.94 -9.21 8.97
C CYS A 160 -15.81 -10.16 9.32
N SER A 161 -15.55 -11.11 8.42
CA SER A 161 -14.45 -12.06 8.53
C SER A 161 -13.78 -12.16 7.16
N ALA A 162 -12.57 -11.62 7.01
CA ALA A 162 -11.83 -11.72 5.77
C ALA A 162 -11.56 -13.21 5.42
N LYS A 163 -11.34 -14.06 6.45
CA LYS A 163 -11.10 -15.50 6.29
C LYS A 163 -12.21 -16.24 5.52
N THR A 164 -13.48 -16.06 5.92
CA THR A 164 -14.60 -16.74 5.27
C THR A 164 -15.34 -15.88 4.25
N LYS A 165 -15.02 -14.57 4.16
CA LYS A 165 -15.71 -13.58 3.32
C LYS A 165 -17.07 -13.12 3.88
N ASP A 166 -17.57 -13.74 4.99
CA ASP A 166 -18.87 -13.29 5.51
C ASP A 166 -18.84 -11.83 5.99
N GLY A 167 -19.81 -11.06 5.50
CA GLY A 167 -19.99 -9.65 5.84
C GLY A 167 -19.09 -8.70 5.09
N VAL A 168 -18.15 -9.19 4.30
CA VAL A 168 -17.20 -8.32 3.57
C VAL A 168 -17.89 -7.45 2.51
N ARG A 169 -18.67 -8.05 1.61
CA ARG A 169 -19.36 -7.31 0.57
C ARG A 169 -20.29 -6.23 1.15
N GLU A 170 -20.99 -6.58 2.24
CA GLU A 170 -21.93 -5.70 2.94
C GLU A 170 -21.23 -4.43 3.45
N VAL A 171 -20.03 -4.57 4.03
CA VAL A 171 -19.24 -3.45 4.55
C VAL A 171 -18.94 -2.46 3.41
N PHE A 172 -18.45 -2.99 2.26
CA PHE A 172 -18.07 -2.13 1.14
C PHE A 172 -19.27 -1.51 0.42
N GLU A 173 -20.40 -2.20 0.38
CA GLU A 173 -21.62 -1.61 -0.19
C GLU A 173 -22.14 -0.51 0.70
N MET A 174 -22.10 -0.70 2.02
CA MET A 174 -22.56 0.33 2.96
C MET A 174 -21.63 1.53 2.90
N ALA A 175 -20.31 1.28 2.83
CA ALA A 175 -19.33 2.35 2.69
C ALA A 175 -19.62 3.21 1.46
N THR A 176 -20.06 2.56 0.37
CA THR A 176 -20.42 3.24 -0.87
C THR A 176 -21.63 4.14 -0.66
N ARG A 177 -22.67 3.61 -0.01
CA ARG A 177 -23.88 4.38 0.35
C ARG A 177 -23.48 5.61 1.21
N ALA A 178 -22.67 5.42 2.25
CA ALA A 178 -22.21 6.52 3.11
C ALA A 178 -21.46 7.60 2.32
N ALA A 179 -20.56 7.20 1.39
CA ALA A 179 -19.80 8.12 0.54
C ALA A 179 -20.73 8.94 -0.40
N LEU A 180 -21.90 8.37 -0.78
CA LEU A 180 -22.86 9.06 -1.65
C LEU A 180 -23.69 10.13 -0.92
N GLN A 181 -23.89 10.00 0.41
CA GLN A 181 -24.71 10.96 1.17
C GLN A 181 -24.11 12.38 1.25
N ALA A 182 -24.97 13.40 1.42
CA ALA A 182 -24.55 14.80 1.56
C ALA A 182 -23.88 15.06 2.93
N SER B 1 7.28 -0.35 -18.80
CA SER B 1 7.46 -1.75 -18.46
CA SER B 1 7.42 -1.76 -18.46
C SER B 1 7.74 -2.60 -19.70
N MET B 2 8.49 -3.69 -19.52
CA MET B 2 8.86 -4.55 -20.65
C MET B 2 8.30 -5.94 -20.49
N GLU B 3 7.89 -6.53 -21.61
CA GLU B 3 7.23 -7.83 -21.67
C GLU B 3 7.94 -8.94 -20.88
N MET B 4 9.29 -9.01 -20.99
CA MET B 4 10.07 -10.03 -20.29
CA MET B 4 10.08 -10.03 -20.29
C MET B 4 9.79 -10.02 -18.79
N ASP B 5 9.93 -8.84 -18.15
CA ASP B 5 9.70 -8.68 -16.73
C ASP B 5 8.23 -8.80 -16.34
N GLU B 6 7.31 -8.35 -17.21
CA GLU B 6 5.87 -8.47 -16.89
C GLU B 6 5.49 -9.94 -16.85
N LYS B 7 5.99 -10.75 -17.80
CA LYS B 7 5.68 -12.18 -17.85
C LYS B 7 6.34 -12.89 -16.67
N ASP B 8 7.60 -12.52 -16.34
CA ASP B 8 8.30 -13.14 -15.22
C ASP B 8 7.59 -12.87 -13.88
N PHE B 9 6.84 -11.75 -13.76
CA PHE B 9 6.12 -11.42 -12.52
C PHE B 9 4.59 -11.41 -12.69
N ALA B 10 4.08 -12.16 -13.65
CA ALA B 10 2.64 -12.20 -13.92
C ALA B 10 1.92 -13.03 -12.88
N ALA B 11 2.53 -14.14 -12.42
CA ALA B 11 1.89 -14.99 -11.42
C ALA B 11 1.64 -14.29 -10.05
N ASP B 12 0.68 -14.81 -9.27
CA ASP B 12 0.36 -14.25 -7.95
C ASP B 12 1.42 -14.58 -6.89
N SER B 13 2.28 -15.58 -7.14
CA SER B 13 3.32 -15.91 -6.18
C SER B 13 4.54 -16.55 -6.82
N TRP B 14 5.66 -16.65 -6.08
CA TRP B 14 6.84 -17.37 -6.57
C TRP B 14 6.46 -18.87 -6.81
N SER B 15 5.61 -19.44 -5.92
CA SER B 15 5.19 -20.83 -6.03
CA SER B 15 5.19 -20.84 -6.04
C SER B 15 4.41 -21.15 -7.32
N LEU B 16 3.71 -20.15 -7.86
CA LEU B 16 2.97 -20.33 -9.10
C LEU B 16 3.80 -19.86 -10.34
N ALA B 17 4.86 -19.05 -10.12
CA ALA B 17 5.76 -18.58 -11.16
C ALA B 17 6.75 -19.69 -11.63
N VAL B 18 7.35 -20.42 -10.70
CA VAL B 18 8.29 -21.50 -11.05
C VAL B 18 7.55 -22.75 -11.56
N ASP B 19 8.27 -23.69 -12.23
CA ASP B 19 7.71 -24.96 -12.68
C ASP B 19 7.32 -25.77 -11.42
N SER B 20 6.21 -26.54 -11.46
CA SER B 20 5.79 -27.32 -10.28
C SER B 20 6.81 -28.42 -9.90
N SER B 21 7.53 -28.95 -10.89
CA SER B 21 8.59 -29.91 -10.63
C SER B 21 9.77 -29.27 -9.90
N PHE B 22 9.97 -27.95 -10.02
CA PHE B 22 11.02 -27.23 -9.33
C PHE B 22 10.57 -26.90 -7.89
N LEU B 23 9.31 -26.50 -7.75
CA LEU B 23 8.66 -26.16 -6.48
C LEU B 23 8.73 -27.36 -5.52
N GLN B 24 8.35 -28.59 -6.00
CA GLN B 24 8.38 -29.85 -5.25
C GLN B 24 9.72 -30.13 -4.61
N GLN B 25 10.80 -29.66 -5.20
CA GLN B 25 12.15 -29.92 -4.68
C GLN B 25 12.53 -29.06 -3.47
N HIS B 26 11.69 -28.09 -3.08
CA HIS B 26 12.05 -27.19 -1.99
C HIS B 26 11.23 -27.38 -0.72
N LYS B 27 11.85 -27.07 0.41
CA LYS B 27 11.16 -27.12 1.70
C LYS B 27 10.15 -25.98 1.77
N LYS B 28 9.08 -26.21 2.53
CA LYS B 28 8.01 -25.24 2.72
C LYS B 28 8.53 -23.87 3.20
N GLU B 29 9.52 -23.85 4.10
CA GLU B 29 10.06 -22.60 4.63
C GLU B 29 10.77 -21.77 3.54
N VAL B 30 11.43 -22.47 2.57
CA VAL B 30 12.11 -21.83 1.46
C VAL B 30 11.07 -21.20 0.53
N MET B 31 9.99 -21.95 0.24
CA MET B 31 8.89 -21.46 -0.57
C MET B 31 8.26 -20.17 0.06
N LYS B 32 8.12 -20.15 1.39
CA LYS B 32 7.54 -19.01 2.07
C LYS B 32 8.45 -17.79 1.99
N GLN B 33 9.77 -17.99 2.11
CA GLN B 33 10.75 -16.93 1.98
C GLN B 33 10.71 -16.36 0.53
N GLN B 34 10.75 -17.25 -0.47
CA GLN B 34 10.75 -16.90 -1.87
C GLN B 34 9.49 -16.17 -2.32
N ASP B 35 8.33 -16.55 -1.77
CA ASP B 35 7.07 -15.88 -2.06
C ASP B 35 7.13 -14.39 -1.65
N VAL B 36 7.71 -14.07 -0.46
CA VAL B 36 7.80 -12.69 0.03
C VAL B 36 8.81 -11.90 -0.78
N ILE B 37 9.97 -12.50 -1.12
CA ILE B 37 10.96 -11.81 -1.96
C ILE B 37 10.33 -11.49 -3.33
N TYR B 38 9.59 -12.45 -3.89
CA TYR B 38 8.91 -12.25 -5.17
C TYR B 38 7.91 -11.05 -5.06
N GLU B 39 7.13 -10.99 -3.96
CA GLU B 39 6.20 -9.86 -3.77
C GLU B 39 6.95 -8.52 -3.71
N LEU B 40 8.09 -8.49 -3.04
CA LEU B 40 8.91 -7.27 -2.96
C LEU B 40 9.33 -6.82 -4.41
N ILE B 41 9.87 -7.75 -5.21
CA ILE B 41 10.29 -7.42 -6.58
C ILE B 41 9.10 -7.05 -7.46
N GLN B 42 8.02 -7.86 -7.43
CA GLN B 42 6.81 -7.60 -8.20
C GLN B 42 6.22 -6.20 -7.88
N THR B 43 6.14 -5.82 -6.60
CA THR B 43 5.63 -4.48 -6.24
C THR B 43 6.67 -3.36 -6.57
N GLU B 44 7.98 -3.69 -6.63
CA GLU B 44 9.01 -2.70 -7.04
C GLU B 44 8.88 -2.42 -8.54
N LEU B 45 8.58 -3.48 -9.34
CA LEU B 45 8.30 -3.37 -10.79
C LEU B 45 7.05 -2.48 -11.01
N HIS B 46 5.99 -2.68 -10.21
CA HIS B 46 4.77 -1.86 -10.32
C HIS B 46 5.04 -0.41 -9.96
N HIS B 47 5.87 -0.18 -8.96
CA HIS B 47 6.24 1.16 -8.49
C HIS B 47 7.04 1.92 -9.55
N VAL B 48 7.98 1.24 -10.22
CA VAL B 48 8.77 1.85 -11.30
C VAL B 48 7.84 2.15 -12.48
N ARG B 49 6.89 1.25 -12.78
CA ARG B 49 5.87 1.47 -13.82
C ARG B 49 5.03 2.73 -13.47
N THR B 50 4.65 2.92 -12.18
CA THR B 50 3.90 4.13 -11.72
C THR B 50 4.72 5.40 -12.02
N LEU B 51 6.02 5.38 -11.71
CA LEU B 51 6.89 6.51 -11.99
C LEU B 51 7.02 6.77 -13.50
N LYS B 52 7.04 5.72 -14.36
CA LYS B 52 7.12 5.88 -15.83
C LYS B 52 5.82 6.49 -16.40
N ILE B 53 4.66 6.18 -15.80
CA ILE B 53 3.37 6.75 -16.22
C ILE B 53 3.43 8.27 -15.92
N MET B 54 3.95 8.65 -14.75
CA MET B 54 4.09 10.04 -14.35
C MET B 54 5.05 10.81 -15.25
N THR B 55 6.25 10.26 -15.56
CA THR B 55 7.19 11.00 -16.41
C THR B 55 6.85 10.97 -17.90
N ARG B 56 6.63 9.79 -18.47
CA ARG B 56 6.41 9.64 -19.92
C ARG B 56 4.99 9.90 -20.39
N LEU B 57 3.96 9.48 -19.62
CA LEU B 57 2.59 9.65 -20.07
C LEU B 57 2.02 11.02 -19.65
N PHE B 58 2.08 11.33 -18.36
CA PHE B 58 1.55 12.58 -17.86
C PHE B 58 2.47 13.80 -18.10
N ARG B 59 3.63 13.88 -17.45
CA ARG B 59 4.57 15.01 -17.55
C ARG B 59 4.95 15.37 -19.00
N THR B 60 5.47 14.39 -19.74
CA THR B 60 5.93 14.61 -21.10
C THR B 60 4.77 14.93 -22.05
N GLY B 61 3.62 14.30 -21.83
CA GLY B 61 2.44 14.56 -22.64
C GLY B 61 1.94 15.98 -22.49
N MET B 62 2.00 16.53 -21.26
CA MET B 62 1.58 17.90 -20.95
C MET B 62 2.55 18.89 -21.58
N LEU B 63 3.86 18.59 -21.57
CA LEU B 63 4.85 19.48 -22.17
C LEU B 63 4.73 19.51 -23.67
N GLU B 64 4.51 18.35 -24.31
CA GLU B 64 4.49 18.26 -25.77
C GLU B 64 3.13 18.48 -26.44
N GLU B 65 2.00 18.18 -25.78
CA GLU B 65 0.68 18.34 -26.40
C GLU B 65 -0.03 19.58 -25.92
N LEU B 66 0.01 19.84 -24.62
CA LEU B 66 -0.64 21.03 -24.06
C LEU B 66 0.27 22.25 -24.06
N HIS B 67 1.58 22.07 -24.28
CA HIS B 67 2.58 23.14 -24.23
C HIS B 67 2.47 23.93 -22.92
N LEU B 68 2.32 23.18 -21.82
CA LEU B 68 2.19 23.76 -20.49
C LEU B 68 3.55 24.27 -20.02
N GLU B 69 3.54 25.36 -19.25
CA GLU B 69 4.75 25.98 -18.70
C GLU B 69 5.50 24.97 -17.81
N PRO B 70 6.81 24.76 -18.02
CA PRO B 70 7.55 23.80 -17.18
C PRO B 70 7.39 23.99 -15.67
N GLY B 71 7.24 25.23 -15.21
CA GLY B 71 7.04 25.50 -13.79
C GLY B 71 5.76 24.91 -13.24
N VAL B 72 4.71 24.87 -14.06
CA VAL B 72 3.44 24.29 -13.67
C VAL B 72 3.53 22.76 -13.66
N VAL B 73 4.14 22.18 -14.69
CA VAL B 73 4.31 20.73 -14.80
C VAL B 73 5.18 20.20 -13.63
N GLN B 74 6.21 20.98 -13.24
CA GLN B 74 7.10 20.62 -12.13
CA GLN B 74 7.11 20.65 -12.13
C GLN B 74 6.33 20.61 -10.80
N GLY B 75 5.36 21.51 -10.65
CA GLY B 75 4.53 21.59 -9.46
C GLY B 75 3.62 20.38 -9.34
N LEU B 76 3.18 19.83 -10.49
CA LEU B 76 2.31 18.65 -10.54
C LEU B 76 3.10 17.38 -10.26
N PHE B 77 4.34 17.30 -10.78
CA PHE B 77 5.19 16.11 -10.66
C PHE B 77 6.54 16.41 -10.02
N PRO B 78 6.60 16.82 -8.72
CA PRO B 78 7.91 17.15 -8.13
C PRO B 78 8.80 15.92 -8.05
N CYS B 79 10.14 16.07 -8.28
CA CYS B 79 11.19 15.04 -8.14
C CYS B 79 10.96 13.72 -8.90
N VAL B 80 10.10 13.68 -9.93
CA VAL B 80 9.80 12.42 -10.61
CA VAL B 80 9.79 12.43 -10.59
C VAL B 80 11.02 11.81 -11.32
N ASP B 81 11.92 12.65 -11.87
CA ASP B 81 13.13 12.13 -12.53
C ASP B 81 14.10 11.50 -11.50
N GLU B 82 14.27 12.14 -10.34
CA GLU B 82 15.17 11.61 -9.31
CA GLU B 82 15.18 11.61 -9.32
C GLU B 82 14.61 10.33 -8.70
N LEU B 83 13.29 10.29 -8.48
CA LEU B 83 12.60 9.12 -7.93
C LEU B 83 12.74 7.95 -8.94
N SER B 84 12.54 8.24 -10.23
CA SER B 84 12.67 7.26 -11.31
C SER B 84 14.07 6.66 -11.33
N ASP B 85 15.10 7.51 -11.17
CA ASP B 85 16.48 7.08 -11.14
C ASP B 85 16.81 6.15 -9.94
N ILE B 86 16.38 6.52 -8.71
CA ILE B 86 16.58 5.70 -7.50
C ILE B 86 15.93 4.28 -7.65
N HIS B 87 14.64 4.24 -8.08
CA HIS B 87 13.91 2.99 -8.11
C HIS B 87 14.24 2.13 -9.33
N THR B 88 14.60 2.71 -10.49
CA THR B 88 15.02 1.90 -11.65
C THR B 88 16.38 1.20 -11.35
N ARG B 89 17.26 1.87 -10.62
CA ARG B 89 18.54 1.32 -10.22
C ARG B 89 18.32 0.20 -9.22
N PHE B 90 17.44 0.42 -8.20
CA PHE B 90 17.15 -0.60 -7.20
C PHE B 90 16.52 -1.82 -7.87
N LEU B 91 15.56 -1.59 -8.76
CA LEU B 91 14.90 -2.65 -9.51
C LEU B 91 15.92 -3.44 -10.38
N SER B 92 16.85 -2.75 -11.04
CA SER B 92 17.85 -3.41 -11.88
CA SER B 92 17.86 -3.41 -11.87
C SER B 92 18.70 -4.36 -11.02
N GLN B 93 19.08 -3.91 -9.81
CA GLN B 93 19.84 -4.75 -8.87
C GLN B 93 19.02 -6.02 -8.43
N LEU B 94 17.69 -5.85 -8.18
CA LEU B 94 16.81 -6.94 -7.76
C LEU B 94 16.66 -7.97 -8.89
N LEU B 95 16.41 -7.49 -10.11
CA LEU B 95 16.24 -8.36 -11.26
C LEU B 95 17.55 -9.04 -11.65
N GLU B 96 18.71 -8.38 -11.43
CA GLU B 96 20.01 -9.02 -11.73
C GLU B 96 20.26 -10.18 -10.73
N ARG B 97 19.85 -10.01 -9.47
CA ARG B 97 19.97 -11.04 -8.45
C ARG B 97 19.13 -12.30 -8.86
N ARG B 98 17.90 -12.09 -9.32
CA ARG B 98 17.04 -13.17 -9.80
C ARG B 98 17.70 -13.84 -11.02
N ARG B 99 18.18 -13.04 -12.00
CA ARG B 99 18.81 -13.56 -13.21
CA ARG B 99 18.80 -13.57 -13.21
C ARG B 99 20.01 -14.47 -12.90
N GLN B 100 20.92 -14.02 -12.01
CA GLN B 100 22.08 -14.84 -11.65
C GLN B 100 21.65 -16.17 -11.01
N ALA B 101 20.54 -16.16 -10.26
CA ALA B 101 20.03 -17.35 -9.57
C ALA B 101 19.28 -18.33 -10.46
N LEU B 102 19.07 -18.00 -11.75
CA LEU B 102 18.31 -18.91 -12.63
C LEU B 102 19.09 -20.18 -12.90
N CYS B 103 18.35 -21.30 -12.98
CA CYS B 103 18.92 -22.56 -13.37
C CYS B 103 19.24 -22.49 -14.85
N PRO B 104 20.37 -23.06 -15.28
CA PRO B 104 20.63 -23.19 -16.72
C PRO B 104 19.50 -23.96 -17.40
N GLY B 105 19.09 -23.50 -18.57
CA GLY B 105 17.98 -24.10 -19.29
C GLY B 105 16.62 -23.54 -18.87
N SER B 106 16.58 -22.63 -17.87
CA SER B 106 15.33 -22.05 -17.38
C SER B 106 15.31 -20.53 -17.38
N THR B 107 14.14 -19.94 -17.69
CA THR B 107 13.96 -18.50 -17.54
C THR B 107 12.98 -18.18 -16.38
N ARG B 108 12.55 -19.19 -15.57
CA ARG B 108 11.64 -18.93 -14.47
C ARG B 108 12.03 -19.56 -13.14
N ASN B 109 12.83 -20.63 -13.13
CA ASN B 109 13.19 -21.35 -11.89
C ASN B 109 14.39 -20.76 -11.21
N PHE B 110 14.22 -20.22 -10.00
CA PHE B 110 15.34 -19.63 -9.28
C PHE B 110 15.06 -19.58 -7.78
N VAL B 111 16.11 -19.45 -6.97
CA VAL B 111 15.98 -19.24 -5.53
C VAL B 111 16.96 -18.09 -5.16
N ILE B 112 16.47 -17.02 -4.56
CA ILE B 112 17.32 -15.93 -4.10
C ILE B 112 17.69 -16.17 -2.62
N HIS B 113 18.96 -16.47 -2.39
CA HIS B 113 19.46 -16.74 -1.03
C HIS B 113 20.06 -15.55 -0.31
N ARG B 114 20.54 -14.50 -1.03
N ARG B 114 20.55 -14.58 -1.07
CA ARG B 114 21.30 -13.41 -0.39
CA ARG B 114 21.22 -13.44 -0.51
C ARG B 114 20.78 -11.96 -0.57
C ARG B 114 20.53 -12.17 -0.98
N LEU B 115 19.49 -11.75 -0.32
N LEU B 115 19.60 -11.67 -0.17
CA LEU B 115 18.89 -10.43 -0.45
CA LEU B 115 18.90 -10.42 -0.44
C LEU B 115 19.38 -9.35 0.55
C LEU B 115 19.36 -9.35 0.56
N GLY B 116 19.60 -9.73 1.81
CA GLY B 116 20.03 -8.80 2.86
C GLY B 116 21.11 -7.80 2.50
N ASP B 117 22.16 -8.29 1.83
CA ASP B 117 23.28 -7.49 1.40
C ASP B 117 22.85 -6.38 0.42
N LEU B 118 21.99 -6.72 -0.53
CA LEU B 118 21.46 -5.78 -1.51
C LEU B 118 20.61 -4.69 -0.80
N LEU B 119 19.81 -5.10 0.20
CA LEU B 119 19.00 -4.17 0.97
C LEU B 119 19.87 -3.24 1.83
N ILE B 120 20.99 -3.74 2.40
CA ILE B 120 21.88 -2.90 3.20
C ILE B 120 22.51 -1.83 2.29
N SER B 121 22.94 -2.22 1.09
CA SER B 121 23.54 -1.28 0.15
CA SER B 121 23.54 -1.29 0.14
C SER B 121 22.52 -0.19 -0.28
N GLN B 122 21.30 -0.59 -0.63
CA GLN B 122 20.26 0.35 -1.03
C GLN B 122 19.90 1.36 0.07
N PHE B 123 19.81 0.90 1.32
CA PHE B 123 19.38 1.78 2.40
C PHE B 123 20.53 2.28 3.29
N SER B 124 21.74 2.39 2.74
CA SER B 124 22.87 2.96 3.46
C SER B 124 23.71 3.83 2.51
N GLY B 125 24.61 4.67 3.06
CA GLY B 125 25.48 5.52 2.26
C GLY B 125 24.80 6.48 1.30
N PRO B 126 25.49 6.81 0.19
CA PRO B 126 24.92 7.77 -0.76
C PRO B 126 23.49 7.49 -1.25
N SER B 127 23.13 6.23 -1.58
CA SER B 127 21.78 5.95 -2.05
C SER B 127 20.73 6.23 -0.96
N ALA B 128 21.03 5.97 0.32
CA ALA B 128 20.09 6.29 1.41
C ALA B 128 19.93 7.81 1.54
N GLU B 129 21.04 8.58 1.41
CA GLU B 129 21.00 10.05 1.48
C GLU B 129 20.14 10.60 0.34
N GLN B 130 20.26 10.01 -0.85
CA GLN B 130 19.48 10.46 -1.99
CA GLN B 130 19.49 10.40 -2.02
C GLN B 130 17.99 10.12 -1.79
N MET B 131 17.66 8.94 -1.23
CA MET B 131 16.25 8.60 -0.98
C MET B 131 15.66 9.54 0.08
N CYS B 132 16.39 9.81 1.18
CA CYS B 132 15.91 10.70 2.25
C CYS B 132 15.67 12.11 1.71
N LYS B 133 16.64 12.64 0.96
CA LYS B 133 16.52 13.99 0.41
C LYS B 133 15.34 14.07 -0.59
N THR B 134 15.23 13.10 -1.51
CA THR B 134 14.19 13.08 -2.52
C THR B 134 12.77 12.87 -1.94
N TYR B 135 12.59 11.94 -1.00
CA TYR B 135 11.28 11.73 -0.39
C TYR B 135 10.86 12.87 0.56
N SER B 136 11.83 13.51 1.26
CA SER B 136 11.49 14.66 2.11
C SER B 136 10.97 15.81 1.23
N GLU B 137 11.57 15.99 0.03
CA GLU B 137 11.13 17.02 -0.90
CA GLU B 137 11.09 17.02 -0.88
C GLU B 137 9.77 16.62 -1.52
N PHE B 138 9.65 15.37 -2.03
CA PHE B 138 8.41 14.91 -2.65
C PHE B 138 7.22 14.99 -1.70
N CYS B 139 7.35 14.43 -0.49
CA CYS B 139 6.26 14.39 0.45
C CYS B 139 5.89 15.78 1.00
N SER B 140 6.83 16.73 1.02
CA SER B 140 6.50 18.11 1.41
C SER B 140 5.73 18.85 0.30
N ARG B 141 5.86 18.39 -0.95
CA ARG B 141 5.20 18.99 -2.12
C ARG B 141 3.92 18.26 -2.55
N HIS B 142 3.58 17.18 -1.86
CA HIS B 142 2.45 16.32 -2.15
C HIS B 142 1.10 17.07 -2.16
N SER B 143 0.73 17.75 -1.05
CA SER B 143 -0.55 18.47 -0.99
CA SER B 143 -0.54 18.49 -0.97
C SER B 143 -0.68 19.56 -2.07
N LYS B 144 0.40 20.33 -2.32
CA LYS B 144 0.45 21.39 -3.34
C LYS B 144 0.23 20.77 -4.76
N ALA B 145 0.79 19.58 -5.02
CA ALA B 145 0.62 18.91 -6.31
C ALA B 145 -0.85 18.53 -6.55
N LEU B 146 -1.55 17.99 -5.52
CA LEU B 146 -2.98 17.64 -5.63
C LEU B 146 -3.85 18.90 -5.86
N LYS B 147 -3.58 19.97 -5.11
CA LYS B 147 -4.34 21.21 -5.25
C LYS B 147 -4.14 21.81 -6.63
N LEU B 148 -2.90 21.80 -7.13
CA LEU B 148 -2.61 22.32 -8.47
C LEU B 148 -3.31 21.48 -9.55
N TYR B 149 -3.35 20.15 -9.39
CA TYR B 149 -4.05 19.30 -10.34
C TYR B 149 -5.56 19.63 -10.36
N LYS B 150 -6.17 19.74 -9.19
CA LYS B 150 -7.60 20.03 -9.08
C LYS B 150 -7.95 21.39 -9.70
N GLU B 151 -7.10 22.39 -9.51
CA GLU B 151 -7.32 23.71 -10.08
CA GLU B 151 -7.28 23.73 -10.08
C GLU B 151 -7.28 23.65 -11.61
N LEU B 152 -6.27 22.96 -12.20
CA LEU B 152 -6.13 22.83 -13.65
C LEU B 152 -7.27 22.05 -14.31
N TYR B 153 -7.70 20.94 -13.68
CA TYR B 153 -8.76 20.09 -14.21
C TYR B 153 -10.10 20.85 -14.27
N ALA B 154 -10.37 21.70 -13.28
CA ALA B 154 -11.63 22.43 -13.21
C ALA B 154 -11.67 23.71 -14.02
N ARG B 155 -10.52 24.29 -14.36
CA ARG B 155 -10.51 25.56 -15.09
CA ARG B 155 -10.44 25.57 -15.06
C ARG B 155 -10.06 25.43 -16.55
N ASP B 156 -9.13 24.50 -16.87
CA ASP B 156 -8.69 24.36 -18.27
C ASP B 156 -9.34 23.19 -19.00
N LYS B 157 -10.08 23.51 -20.08
CA LYS B 157 -10.78 22.56 -20.94
C LYS B 157 -9.81 21.63 -21.64
N ARG B 158 -8.69 22.17 -22.18
CA ARG B 158 -7.68 21.37 -22.86
C ARG B 158 -7.02 20.37 -21.91
N PHE B 159 -6.81 20.76 -20.66
CA PHE B 159 -6.20 19.93 -19.64
C PHE B 159 -7.13 18.78 -19.29
N GLN B 160 -8.42 19.06 -19.09
CA GLN B 160 -9.43 18.05 -18.77
C GLN B 160 -9.59 17.02 -19.89
N GLN B 161 -9.58 17.47 -21.17
CA GLN B 161 -9.69 16.57 -22.32
C GLN B 161 -8.44 15.68 -22.40
N PHE B 162 -7.25 16.26 -22.18
CA PHE B 162 -5.98 15.52 -22.16
C PHE B 162 -6.02 14.44 -21.08
N ILE B 163 -6.47 14.79 -19.85
CA ILE B 163 -6.53 13.81 -18.75
C ILE B 163 -7.48 12.64 -19.11
N ARG B 164 -8.70 12.97 -19.55
CA ARG B 164 -9.72 12.01 -19.96
C ARG B 164 -9.22 11.12 -21.09
N LYS B 165 -8.46 11.68 -22.03
CA LYS B 165 -7.89 10.91 -23.12
C LYS B 165 -6.80 9.92 -22.65
N VAL B 166 -5.77 10.41 -21.94
CA VAL B 166 -4.67 9.53 -21.54
C VAL B 166 -5.04 8.54 -20.43
N THR B 167 -6.05 8.84 -19.59
CA THR B 167 -6.46 7.90 -18.53
C THR B 167 -7.62 6.98 -18.96
N ARG B 168 -8.09 7.08 -20.21
CA ARG B 168 -9.18 6.24 -20.70
C ARG B 168 -8.85 4.73 -20.78
N PRO B 169 -7.64 4.28 -21.21
CA PRO B 169 -7.40 2.83 -21.29
C PRO B 169 -7.56 2.12 -19.95
N ALA B 170 -8.05 0.88 -20.01
CA ALA B 170 -8.26 0.04 -18.82
C ALA B 170 -6.97 -0.19 -18.00
N VAL B 171 -5.79 -0.17 -18.66
CA VAL B 171 -4.53 -0.34 -17.93
C VAL B 171 -4.18 0.88 -17.07
N LEU B 172 -4.92 2.01 -17.20
CA LEU B 172 -4.68 3.19 -16.37
C LEU B 172 -5.78 3.38 -15.27
N LYS B 173 -6.61 2.36 -15.02
CA LYS B 173 -7.72 2.44 -14.06
C LYS B 173 -7.30 2.88 -12.65
N ARG B 174 -6.24 2.28 -12.11
CA ARG B 174 -5.74 2.64 -10.78
C ARG B 174 -4.71 3.79 -10.84
N HIS B 175 -4.41 4.35 -12.02
CA HIS B 175 -3.29 5.28 -12.14
C HIS B 175 -3.61 6.67 -12.68
N GLY B 176 -4.63 7.31 -12.11
CA GLY B 176 -4.87 8.72 -12.39
C GLY B 176 -3.74 9.56 -11.77
N VAL B 177 -3.70 10.87 -12.01
CA VAL B 177 -2.61 11.73 -11.48
C VAL B 177 -2.48 11.67 -9.94
N GLN B 178 -3.58 11.88 -9.23
CA GLN B 178 -3.59 11.88 -7.77
C GLN B 178 -3.26 10.52 -7.19
N GLU B 179 -3.72 9.46 -7.86
CA GLU B 179 -3.50 8.08 -7.48
C GLU B 179 -1.99 7.78 -7.58
N CYS B 180 -1.32 8.25 -8.63
CA CYS B 180 0.14 8.06 -8.78
C CYS B 180 0.92 8.72 -7.65
N ILE B 181 0.54 9.98 -7.32
CA ILE B 181 1.22 10.73 -6.27
C ILE B 181 1.11 10.00 -4.93
N LEU B 182 -0.10 9.49 -4.58
CA LEU B 182 -0.24 8.76 -3.31
C LEU B 182 0.42 7.38 -3.36
N LEU B 183 0.40 6.72 -4.53
CA LEU B 183 1.09 5.42 -4.68
C LEU B 183 2.60 5.59 -4.38
N VAL B 184 3.20 6.72 -4.82
CA VAL B 184 4.62 7.00 -4.60
C VAL B 184 4.89 7.32 -3.12
N THR B 185 4.07 8.20 -2.51
CA THR B 185 4.24 8.54 -1.09
C THR B 185 4.11 7.29 -0.20
N GLN B 186 3.16 6.41 -0.50
CA GLN B 186 2.97 5.21 0.32
C GLN B 186 4.02 4.14 0.12
N ARG B 187 4.78 4.17 -1.00
CA ARG B 187 5.75 3.10 -1.31
C ARG B 187 6.81 2.87 -0.22
N ILE B 188 7.40 3.94 0.28
CA ILE B 188 8.49 3.81 1.27
C ILE B 188 8.05 3.14 2.58
N THR B 189 6.79 3.35 3.02
CA THR B 189 6.32 2.70 4.24
C THR B 189 5.86 1.23 4.03
N LYS B 190 5.93 0.71 2.80
CA LYS B 190 5.66 -0.71 2.52
C LYS B 190 6.90 -1.58 2.79
N TYR B 191 8.10 -1.01 2.67
CA TYR B 191 9.40 -1.70 2.82
C TYR B 191 9.55 -2.42 4.18
N PRO B 192 9.27 -1.78 5.34
CA PRO B 192 9.47 -2.49 6.61
C PRO B 192 8.62 -3.73 6.75
N LEU B 193 7.36 -3.74 6.24
CA LEU B 193 6.46 -4.90 6.32
CA LEU B 193 6.52 -4.93 6.37
C LEU B 193 6.98 -6.09 5.48
N LEU B 194 7.47 -5.79 4.27
CA LEU B 194 8.00 -6.80 3.36
C LEU B 194 9.29 -7.37 3.93
N ILE B 195 10.24 -6.49 4.34
CA ILE B 195 11.51 -6.94 4.94
C ILE B 195 11.30 -7.75 6.22
N SER B 196 10.37 -7.33 7.11
CA SER B 196 10.12 -8.07 8.34
CA SER B 196 10.15 -8.08 8.35
CA SER B 196 10.12 -8.07 8.34
C SER B 196 9.61 -9.49 8.06
N ARG B 197 8.77 -9.64 7.04
CA ARG B 197 8.22 -10.95 6.69
C ARG B 197 9.26 -11.82 5.96
N ILE B 198 10.17 -11.19 5.18
CA ILE B 198 11.28 -11.95 4.56
C ILE B 198 12.19 -12.46 5.70
N LEU B 199 12.49 -11.59 6.68
CA LEU B 199 13.32 -11.95 7.84
C LEU B 199 12.71 -13.13 8.61
N GLN B 200 11.39 -13.13 8.78
CA GLN B 200 10.66 -14.19 9.48
C GLN B 200 10.94 -15.58 8.87
N HIS B 201 11.18 -15.64 7.56
CA HIS B 201 11.47 -16.90 6.88
C HIS B 201 12.94 -17.01 6.43
N SER B 202 13.86 -16.31 7.11
CA SER B 202 15.28 -16.33 6.74
C SER B 202 16.20 -16.66 7.89
N HIS B 203 15.77 -17.54 8.77
CA HIS B 203 16.58 -17.92 9.93
C HIS B 203 17.58 -19.06 9.64
N GLY B 204 17.42 -19.76 8.52
CA GLY B 204 18.25 -20.89 8.10
C GLY B 204 19.73 -20.60 7.99
N ILE B 205 20.10 -19.41 7.48
CA ILE B 205 21.50 -19.01 7.40
CA ILE B 205 21.50 -19.01 7.40
C ILE B 205 21.66 -17.82 8.36
N GLU B 206 22.42 -17.99 9.45
CA GLU B 206 22.57 -16.92 10.45
C GLU B 206 23.05 -15.57 9.86
N GLU B 207 24.02 -15.61 8.92
CA GLU B 207 24.45 -14.36 8.31
C GLU B 207 23.35 -13.63 7.52
N GLU B 208 22.42 -14.39 6.90
CA GLU B 208 21.31 -13.76 6.18
C GLU B 208 20.33 -13.15 7.19
N ARG B 209 20.10 -13.83 8.33
CA ARG B 209 19.20 -13.29 9.35
C ARG B 209 19.77 -11.97 9.90
N GLN B 210 21.11 -11.91 10.10
CA GLN B 210 21.77 -10.70 10.59
C GLN B 210 21.70 -9.58 9.56
N ASP B 211 21.93 -9.92 8.28
CA ASP B 211 21.87 -8.92 7.20
C ASP B 211 20.46 -8.30 7.07
N LEU B 212 19.41 -9.13 7.15
CA LEU B 212 18.03 -8.65 7.05
C LEU B 212 17.64 -7.80 8.25
N THR B 213 18.19 -8.11 9.44
CA THR B 213 17.98 -7.37 10.66
C THR B 213 18.58 -5.97 10.52
N THR B 214 19.85 -5.88 10.06
CA THR B 214 20.50 -4.60 9.79
C THR B 214 19.68 -3.79 8.74
N ALA B 215 19.26 -4.44 7.63
CA ALA B 215 18.50 -3.75 6.57
C ALA B 215 17.21 -3.16 7.10
N LEU B 216 16.50 -3.91 7.97
CA LEU B 216 15.25 -3.44 8.57
C LEU B 216 15.48 -2.17 9.42
N GLY B 217 16.55 -2.18 10.23
CA GLY B 217 16.94 -1.01 11.01
C GLY B 217 17.28 0.17 10.13
N LEU B 218 18.02 -0.04 9.03
CA LEU B 218 18.35 1.03 8.09
C LEU B 218 17.08 1.66 7.45
N VAL B 219 16.10 0.84 7.02
CA VAL B 219 14.86 1.34 6.43
C VAL B 219 14.07 2.20 7.44
N LYS B 220 14.02 1.75 8.71
CA LYS B 220 13.31 2.49 9.74
C LYS B 220 13.97 3.83 10.05
N GLU B 221 15.32 3.89 10.03
CA GLU B 221 16.06 5.14 10.24
CA GLU B 221 16.07 5.14 10.24
C GLU B 221 15.72 6.11 9.10
N LEU B 222 15.68 5.59 7.85
CA LEU B 222 15.34 6.38 6.67
C LEU B 222 13.93 6.97 6.83
N LEU B 223 12.93 6.13 7.10
CA LEU B 223 11.54 6.54 7.28
C LEU B 223 11.40 7.60 8.39
N SER B 224 12.08 7.41 9.52
CA SER B 224 12.05 8.39 10.61
CA SER B 224 12.04 8.38 10.61
C SER B 224 12.63 9.72 10.18
N ASN B 225 13.70 9.70 9.36
CA ASN B 225 14.36 10.92 8.90
C ASN B 225 13.46 11.65 7.89
N VAL B 226 12.86 10.92 6.95
CA VAL B 226 11.93 11.50 5.99
C VAL B 226 10.72 12.15 6.72
N ASP B 227 10.09 11.40 7.65
CA ASP B 227 8.95 11.86 8.42
C ASP B 227 9.28 13.18 9.19
N GLU B 228 10.47 13.25 9.80
CA GLU B 228 10.91 14.44 10.51
C GLU B 228 11.24 15.63 9.59
N GLY B 229 11.49 15.39 8.31
CA GLY B 229 11.86 16.44 7.37
C GLY B 229 10.74 16.98 6.50
N ILE B 230 9.50 16.57 6.78
CA ILE B 230 8.32 16.98 6.02
C ILE B 230 7.55 18.13 6.64
N TYR B 231 7.18 19.12 5.81
CA TYR B 231 6.30 20.23 6.14
C TYR B 231 5.55 20.52 4.84
N GLN B 232 4.20 20.45 4.84
CA GLN B 232 3.44 20.71 3.61
C GLN B 232 3.57 22.16 3.14
N LEU B 233 4.03 22.33 1.92
CA LEU B 233 4.15 23.63 1.30
C LEU B 233 2.74 24.05 0.83
N GLU B 234 2.48 25.36 0.77
CA GLU B 234 1.17 25.83 0.30
C GLU B 234 1.28 27.01 -0.67
N LYS B 235 0.57 26.92 -1.81
CA LYS B 235 0.55 27.98 -2.84
C LYS B 235 -0.68 28.87 -2.72
#